data_9L8K
#
_entry.id   9L8K
#
_cell.length_a   41.842
_cell.length_b   87.192
_cell.length_c   93.713
_cell.angle_alpha   90
_cell.angle_beta   90
_cell.angle_gamma   90
#
_symmetry.space_group_name_H-M   'P 21 21 21'
#
loop_
_entity.id
_entity.type
_entity.pdbx_description
1 polymer 'Cellobiose 2-epimerase'
2 non-polymer D-MANNITOL
3 non-polymer beta-D-mannopyranose
4 non-polymer 'CHLORIDE ION'
5 non-polymer 'PHOSPHATE ION'
6 water water
#
_entity_poly.entity_id   1
_entity_poly.type   'polypeptide(L)'
_entity_poly.pdbx_seq_one_letter_code
;VSTETIPDVRRLRALQAEVHEELTENILKFWATRTPDPVHGGFVGRVGPDGRPHPEAPRGAILNARILWTFAAAYRQLGT
PLYREMAERAYRYFVRHFVDAEHGGVYWMVAADGRPLDTRKHVYAQSFAIYALSEWHRATGGEAALALARSIYDLIETHC
ADRVHGGYVEACDRAWRPLEDARLSAKDAPEPRSMNTHLHVLEAYANLYRVWPETELAARLQALIELFLRAIYHPATGHL
ILFFDERWRPRSRAVSFGHDIEASWLLLEAVDVLGQATLRPRVQQASLHLARATLAEGRAPDGSLYYEIGEQGHLDTDRH
WWPQAEALVGFLNAYQESGEVLFYEAAEDVWRYIRERQRDTRGGEWFARVRDDGAPYPDDKVDFWKGPYHNGRACLEAIQ
RLRHLLEHVRSR
;
_entity_poly.pdbx_strand_id   A
#
loop_
_chem_comp.id
_chem_comp.type
_chem_comp.name
_chem_comp.formula
BMA D-saccharide, beta linking beta-D-mannopyranose 'C6 H12 O6'
CL non-polymer 'CHLORIDE ION' 'Cl -1'
MTL non-polymer D-MANNITOL 'C6 H14 O6'
PO4 non-polymer 'PHOSPHATE ION' 'O4 P -3'
#
# COMPACT_ATOMS: atom_id res chain seq x y z
N THR A 3 -33.45 5.08 -2.20
CA THR A 3 -33.32 4.32 -3.44
C THR A 3 -31.98 3.62 -3.51
N GLU A 4 -31.42 3.32 -2.34
CA GLU A 4 -30.20 2.54 -2.26
C GLU A 4 -30.47 1.08 -2.59
N THR A 5 -29.53 0.45 -3.28
CA THR A 5 -29.49 -1.00 -3.37
C THR A 5 -28.38 -1.48 -2.44
N ILE A 6 -28.77 -2.08 -1.32
CA ILE A 6 -27.80 -2.45 -0.30
C ILE A 6 -27.94 -3.93 0.00
N PRO A 7 -26.85 -4.68 0.05
CA PRO A 7 -26.92 -6.05 0.56
C PRO A 7 -27.60 -6.08 1.92
N ASP A 8 -28.30 -7.18 2.17
CA ASP A 8 -29.02 -7.22 3.43
C ASP A 8 -28.05 -7.33 4.60
N VAL A 9 -28.59 -7.15 5.80
CA VAL A 9 -27.73 -7.03 6.98
C VAL A 9 -26.99 -8.34 7.22
N ARG A 10 -27.63 -9.47 6.95
CA ARG A 10 -26.97 -10.76 7.17
C ARG A 10 -25.73 -10.88 6.32
N ARG A 11 -25.80 -10.49 5.06
CA ARG A 11 -24.66 -10.63 4.18
C ARG A 11 -23.55 -9.66 4.57
N LEU A 12 -23.91 -8.40 4.86
CA LEU A 12 -22.90 -7.43 5.28
C LEU A 12 -22.18 -7.90 6.53
N ARG A 13 -22.93 -8.33 7.54
CA ARG A 13 -22.31 -8.76 8.78
C ARG A 13 -21.52 -10.04 8.60
N ALA A 14 -22.00 -10.96 7.74
CA ALA A 14 -21.27 -12.19 7.50
C ALA A 14 -19.92 -11.91 6.84
N LEU A 15 -19.92 -11.05 5.83
CA LEU A 15 -18.66 -10.65 5.21
C LEU A 15 -17.75 -9.97 6.22
N GLN A 16 -18.29 -9.02 6.99
CA GLN A 16 -17.47 -8.31 7.95
C GLN A 16 -16.85 -9.27 8.96
N ALA A 17 -17.63 -10.27 9.42
CA ALA A 17 -17.10 -11.24 10.37
C ALA A 17 -15.98 -12.08 9.76
N GLU A 18 -16.17 -12.51 8.50
CA GLU A 18 -15.13 -13.29 7.83
C GLU A 18 -13.85 -12.48 7.68
N VAL A 19 -13.98 -11.21 7.30
CA VAL A 19 -12.82 -10.36 7.13
C VAL A 19 -12.10 -10.15 8.46
N HIS A 20 -12.87 -9.94 9.52
CA HIS A 20 -12.26 -9.78 10.84
C HIS A 20 -11.55 -11.05 11.27
N GLU A 21 -12.16 -12.21 10.99
CA GLU A 21 -11.52 -13.46 11.33
C GLU A 21 -10.25 -13.65 10.54
N GLU A 22 -10.29 -13.34 9.23
CA GLU A 22 -9.10 -13.48 8.41
C GLU A 22 -7.98 -12.60 8.93
N LEU A 23 -8.30 -11.36 9.29
CA LEU A 23 -7.28 -10.43 9.76
C LEU A 23 -6.67 -10.88 11.07
N THR A 24 -7.51 -11.22 12.05
CA THR A 24 -7.02 -11.46 13.41
C THR A 24 -6.57 -12.89 13.63
N GLU A 25 -7.23 -13.86 13.03
CA GLU A 25 -6.90 -15.25 13.27
C GLU A 25 -5.95 -15.84 12.24
N ASN A 26 -5.80 -15.19 11.09
CA ASN A 26 -4.81 -15.63 10.11
C ASN A 26 -3.68 -14.61 9.99
N ILE A 27 -3.95 -13.44 9.40
CA ILE A 27 -2.87 -12.53 9.01
C ILE A 27 -2.07 -12.06 10.23
N LEU A 28 -2.73 -11.37 11.16
CA LEU A 28 -1.95 -10.77 12.24
C LEU A 28 -1.42 -11.82 13.20
N LYS A 29 -2.08 -12.97 13.28
CA LYS A 29 -1.56 -14.07 14.09
C LYS A 29 -0.27 -14.60 13.50
N PHE A 30 -0.24 -14.81 12.19
CA PHE A 30 0.99 -15.21 11.51
C PHE A 30 2.11 -14.22 11.79
N TRP A 31 1.83 -12.92 11.61
CA TRP A 31 2.89 -11.93 11.74
C TRP A 31 3.38 -11.81 13.18
N ALA A 32 2.47 -11.90 14.17
CA ALA A 32 2.90 -11.74 15.54
C ALA A 32 3.63 -12.95 16.08
N THR A 33 3.37 -14.14 15.54
CA THR A 33 4.00 -15.35 16.07
C THR A 33 5.22 -15.80 15.27
N ARG A 34 5.18 -15.67 13.95
CA ARG A 34 6.22 -16.22 13.09
C ARG A 34 7.37 -15.25 12.84
N THR A 35 7.11 -13.95 12.91
CA THR A 35 8.13 -13.06 12.38
C THR A 35 8.93 -12.24 13.39
N PRO A 36 8.49 -12.01 14.64
CA PRO A 36 9.39 -11.31 15.57
C PRO A 36 10.70 -12.07 15.74
N ASP A 37 11.79 -11.33 15.84
CA ASP A 37 13.11 -11.94 15.96
C ASP A 37 13.70 -11.63 17.31
N PRO A 38 13.88 -12.62 18.19
CA PRO A 38 14.49 -12.35 19.49
C PRO A 38 16.01 -12.32 19.46
N VAL A 39 16.66 -12.59 18.32
CA VAL A 39 18.12 -12.47 18.24
C VAL A 39 18.52 -11.02 18.01
N HIS A 40 18.05 -10.42 16.92
CA HIS A 40 18.42 -9.04 16.59
C HIS A 40 17.36 -8.02 16.96
N GLY A 41 16.25 -8.44 17.58
CA GLY A 41 15.14 -7.55 17.79
C GLY A 41 14.37 -7.39 16.50
N GLY A 42 13.28 -6.63 16.57
CA GLY A 42 12.53 -6.35 15.37
C GLY A 42 11.91 -7.59 14.77
N PHE A 43 11.97 -7.68 13.44
CA PHE A 43 11.25 -8.69 12.70
C PHE A 43 12.17 -9.29 11.64
N VAL A 44 11.98 -10.57 11.34
CA VAL A 44 12.80 -11.20 10.31
C VAL A 44 12.54 -10.57 8.95
N GLY A 45 13.56 -10.62 8.09
CA GLY A 45 13.46 -10.09 6.74
C GLY A 45 12.86 -11.01 5.71
N ARG A 46 12.73 -12.30 6.04
CA ARG A 46 12.30 -13.29 5.09
C ARG A 46 11.70 -14.46 5.84
N VAL A 47 10.60 -15.00 5.31
CA VAL A 47 10.03 -16.26 5.74
C VAL A 47 9.85 -17.09 4.48
N GLY A 48 10.44 -18.28 4.45
CA GLY A 48 10.45 -19.08 3.27
C GLY A 48 9.08 -19.65 2.94
N PRO A 49 8.98 -20.32 1.80
CA PRO A 49 7.69 -20.94 1.45
C PRO A 49 7.27 -22.02 2.43
N ASP A 50 8.23 -22.67 3.09
CA ASP A 50 7.96 -23.66 4.11
C ASP A 50 7.57 -23.07 5.46
N GLY A 51 7.50 -21.74 5.56
CA GLY A 51 7.17 -21.09 6.81
C GLY A 51 8.34 -20.83 7.74
N ARG A 52 9.54 -21.16 7.33
CA ARG A 52 10.69 -21.02 8.21
C ARG A 52 11.17 -19.57 8.19
N PRO A 53 11.29 -18.92 9.35
CA PRO A 53 11.80 -17.54 9.38
C PRO A 53 13.31 -17.53 9.23
N HIS A 54 13.82 -16.41 8.74
CA HIS A 54 15.26 -16.27 8.47
C HIS A 54 15.76 -15.03 9.20
N PRO A 55 16.13 -15.18 10.47
CA PRO A 55 16.51 -13.99 11.27
C PRO A 55 17.81 -13.36 10.84
N GLU A 56 18.61 -14.02 10.02
CA GLU A 56 19.87 -13.44 9.55
C GLU A 56 19.75 -12.79 8.18
N ALA A 57 18.60 -12.90 7.52
CA ALA A 57 18.42 -12.28 6.21
C ALA A 57 18.44 -10.76 6.32
N PRO A 58 18.95 -10.07 5.29
CA PRO A 58 18.87 -8.61 5.28
C PRO A 58 17.42 -8.14 5.32
N ARG A 59 17.22 -6.95 5.87
CA ARG A 59 15.89 -6.47 6.23
C ARG A 59 15.60 -5.16 5.52
N GLY A 60 14.45 -5.09 4.86
CA GLY A 60 14.10 -3.92 4.08
C GLY A 60 13.30 -2.90 4.88
N ALA A 61 13.58 -1.62 4.59
CA ALA A 61 12.88 -0.53 5.25
C ALA A 61 11.39 -0.54 4.91
N ILE A 62 11.06 -0.87 3.67
CA ILE A 62 9.67 -0.91 3.26
C ILE A 62 8.92 -1.96 4.06
N LEU A 63 9.49 -3.17 4.15
CA LEU A 63 8.85 -4.24 4.91
C LEU A 63 8.65 -3.79 6.35
N ASN A 64 9.68 -3.22 6.97
CA ASN A 64 9.58 -2.90 8.38
C ASN A 64 8.63 -1.74 8.62
N ALA A 65 8.60 -0.76 7.69
CA ALA A 65 7.59 0.28 7.77
C ALA A 65 6.21 -0.30 7.64
N ARG A 66 6.05 -1.32 6.79
CA ARG A 66 4.74 -1.93 6.60
C ARG A 66 4.30 -2.69 7.84
N ILE A 67 5.23 -3.36 8.51
CA ILE A 67 4.90 -4.02 9.77
C ILE A 67 4.44 -2.98 10.79
N LEU A 68 5.20 -1.89 10.93
CA LEU A 68 4.83 -0.82 11.85
C LEU A 68 3.45 -0.27 11.51
N TRP A 69 3.23 0.06 10.23
CA TRP A 69 1.94 0.63 9.84
C TRP A 69 0.80 -0.31 10.21
N THR A 70 0.94 -1.59 9.86
CA THR A 70 -0.19 -2.50 10.00
C THR A 70 -0.55 -2.74 11.46
N PHE A 71 0.45 -2.98 12.31
CA PHE A 71 0.14 -3.18 13.72
C PHE A 71 -0.35 -1.90 14.37
N ALA A 72 0.20 -0.75 13.98
CA ALA A 72 -0.30 0.52 14.48
C ALA A 72 -1.76 0.71 14.11
N ALA A 73 -2.09 0.46 12.85
CA ALA A 73 -3.46 0.66 12.39
C ALA A 73 -4.40 -0.34 13.03
N ALA A 74 -3.95 -1.58 13.20
CA ALA A 74 -4.80 -2.61 13.81
C ALA A 74 -5.03 -2.30 15.28
N TYR A 75 -3.99 -1.83 15.97
CA TYR A 75 -4.16 -1.40 17.36
C TYR A 75 -5.15 -0.24 17.45
N ARG A 76 -4.99 0.76 16.57
CA ARG A 76 -5.89 1.90 16.59
C ARG A 76 -7.35 1.46 16.41
N GLN A 77 -7.60 0.57 15.46
CA GLN A 77 -8.97 0.22 15.12
C GLN A 77 -9.54 -0.86 16.02
N LEU A 78 -8.72 -1.77 16.50
CA LEU A 78 -9.24 -2.92 17.24
C LEU A 78 -8.85 -2.94 18.71
N GLY A 79 -7.83 -2.19 19.11
CA GLY A 79 -7.49 -2.03 20.52
C GLY A 79 -6.68 -3.15 21.12
N THR A 80 -6.44 -4.23 20.40
CA THR A 80 -5.79 -5.41 20.97
C THR A 80 -4.37 -5.10 21.44
N PRO A 81 -4.05 -5.31 22.72
CA PRO A 81 -2.74 -4.87 23.22
C PRO A 81 -1.56 -5.49 22.49
N LEU A 82 -1.67 -6.74 22.06
CA LEU A 82 -0.60 -7.38 21.30
C LEU A 82 -0.20 -6.55 20.08
N TYR A 83 -1.18 -5.91 19.43
CA TYR A 83 -0.86 -5.12 18.24
C TYR A 83 -0.05 -3.88 18.60
N ARG A 84 -0.34 -3.26 19.75
CA ARG A 84 0.50 -2.15 20.18
C ARG A 84 1.91 -2.64 20.49
N GLU A 85 2.01 -3.80 21.15
CA GLU A 85 3.32 -4.38 21.47
C GLU A 85 4.13 -4.63 20.20
N MET A 86 3.48 -5.18 19.17
CA MET A 86 4.18 -5.50 17.93
C MET A 86 4.56 -4.23 17.18
N ALA A 87 3.67 -3.24 17.20
CA ALA A 87 4.01 -1.96 16.56
C ALA A 87 5.18 -1.29 17.26
N GLU A 88 5.17 -1.28 18.60
CA GLU A 88 6.29 -0.75 19.36
C GLU A 88 7.59 -1.48 19.00
N ARG A 89 7.52 -2.81 18.89
CA ARG A 89 8.70 -3.58 18.50
C ARG A 89 9.22 -3.13 17.15
N ALA A 90 8.31 -2.94 16.19
CA ALA A 90 8.75 -2.49 14.87
C ALA A 90 9.31 -1.08 14.93
N TYR A 91 8.64 -0.19 15.66
CA TYR A 91 9.08 1.20 15.77
C TYR A 91 10.47 1.30 16.35
N ARG A 92 10.74 0.55 17.42
CA ARG A 92 12.04 0.68 18.08
C ARG A 92 13.16 0.25 17.15
N TYR A 93 13.02 -0.91 16.50
CA TYR A 93 14.05 -1.34 15.56
C TYR A 93 14.19 -0.34 14.42
N PHE A 94 13.06 0.20 13.95
CA PHE A 94 13.07 1.13 12.82
C PHE A 94 13.88 2.38 13.13
N VAL A 95 13.63 3.00 14.29
CA VAL A 95 14.31 4.23 14.65
C VAL A 95 15.79 3.96 14.92
N ARG A 96 16.09 2.82 15.55
CA ARG A 96 17.47 2.45 15.86
C ARG A 96 18.31 2.29 14.61
N HIS A 97 17.78 1.60 13.61
CA HIS A 97 18.59 1.07 12.53
C HIS A 97 18.27 1.63 11.15
N PHE A 98 16.98 1.84 10.84
CA PHE A 98 16.66 2.29 9.50
C PHE A 98 16.79 3.80 9.37
N VAL A 99 16.54 4.55 10.44
CA VAL A 99 16.65 6.00 10.40
C VAL A 99 18.12 6.40 10.41
N ASP A 100 18.51 7.19 9.41
CA ASP A 100 19.84 7.74 9.30
C ASP A 100 19.90 8.99 10.16
N ALA A 101 20.55 8.89 11.33
CA ALA A 101 20.60 10.04 12.23
C ALA A 101 21.47 11.17 11.68
N GLU A 102 22.41 10.84 10.80
CA GLU A 102 23.33 11.86 10.30
C GLU A 102 22.72 12.64 9.15
N HIS A 103 22.18 11.95 8.14
CA HIS A 103 21.66 12.61 6.96
C HIS A 103 20.14 12.67 6.91
N GLY A 104 19.45 11.97 7.81
CA GLY A 104 18.00 11.95 7.80
C GLY A 104 17.45 10.91 6.84
N GLY A 105 16.15 10.64 6.98
CA GLY A 105 15.55 9.61 6.15
C GLY A 105 15.93 8.21 6.60
N VAL A 106 15.47 7.23 5.82
CA VAL A 106 15.66 5.82 6.15
C VAL A 106 16.47 5.14 5.06
N TYR A 107 17.38 4.27 5.50
CA TYR A 107 18.14 3.44 4.57
C TYR A 107 17.21 2.47 3.84
N TRP A 108 17.72 1.93 2.75
CA TRP A 108 16.95 0.98 1.94
C TRP A 108 16.95 -0.42 2.57
N MET A 109 18.10 -0.85 3.07
CA MET A 109 18.27 -2.20 3.58
C MET A 109 19.35 -2.18 4.65
N VAL A 110 19.08 -2.89 5.75
CA VAL A 110 20.08 -3.10 6.78
C VAL A 110 20.32 -4.60 6.92
N ALA A 111 21.51 -4.93 7.42
CA ALA A 111 21.73 -6.30 7.83
C ALA A 111 20.84 -6.62 9.02
N ALA A 112 20.63 -7.92 9.26
CA ALA A 112 19.76 -8.33 10.36
C ALA A 112 20.15 -7.67 11.69
N ASP A 113 21.45 -7.48 11.93
CA ASP A 113 21.89 -6.87 13.17
C ASP A 113 21.80 -5.35 13.14
N GLY A 114 21.31 -4.76 12.05
CA GLY A 114 21.03 -3.35 11.99
C GLY A 114 22.04 -2.53 11.22
N ARG A 115 23.22 -3.09 10.92
CA ARG A 115 24.21 -2.35 10.17
C ARG A 115 23.67 -1.96 8.80
N PRO A 116 23.84 -0.71 8.38
CA PRO A 116 23.38 -0.33 7.04
C PRO A 116 24.08 -1.15 5.97
N LEU A 117 23.29 -1.66 5.02
CA LEU A 117 23.79 -2.43 3.89
C LEU A 117 23.60 -1.69 2.57
N ASP A 118 22.41 -1.13 2.36
CA ASP A 118 22.10 -0.31 1.20
C ASP A 118 21.58 1.01 1.74
N THR A 119 22.40 2.05 1.64
CA THR A 119 22.11 3.34 2.25
C THR A 119 21.42 4.32 1.32
N ARG A 120 21.00 3.89 0.14
CA ARG A 120 20.26 4.82 -0.72
C ARG A 120 19.00 5.30 -0.01
N LYS A 121 18.62 6.53 -0.33
CA LYS A 121 17.39 7.14 0.17
C LYS A 121 16.40 7.13 -0.98
N HIS A 122 15.60 6.06 -1.07
CA HIS A 122 14.59 5.96 -2.12
C HIS A 122 13.29 6.59 -1.63
N VAL A 123 12.71 7.46 -2.45
CA VAL A 123 11.51 8.19 -2.05
C VAL A 123 10.37 7.23 -1.72
N TYR A 124 10.34 6.08 -2.37
CA TYR A 124 9.32 5.07 -2.06
C TYR A 124 9.48 4.59 -0.63
N ALA A 125 10.71 4.36 -0.21
CA ALA A 125 10.95 3.95 1.17
C ALA A 125 10.73 5.11 2.13
N GLN A 126 11.15 6.33 1.75
CA GLN A 126 10.88 7.50 2.59
C GLN A 126 9.39 7.68 2.79
N SER A 127 8.59 7.44 1.74
CA SER A 127 7.14 7.57 1.86
C SER A 127 6.57 6.54 2.83
N PHE A 128 6.99 5.28 2.70
CA PHE A 128 6.46 4.29 3.62
C PHE A 128 6.86 4.60 5.06
N ALA A 129 8.02 5.23 5.26
CA ALA A 129 8.39 5.64 6.61
C ALA A 129 7.42 6.70 7.12
N ILE A 130 7.14 7.72 6.31
CA ILE A 130 6.16 8.74 6.70
C ILE A 130 4.81 8.10 6.98
N TYR A 131 4.37 7.21 6.10
CA TYR A 131 3.07 6.57 6.24
C TYR A 131 2.99 5.83 7.58
N ALA A 132 4.01 5.03 7.88
CA ALA A 132 4.01 4.22 9.10
C ALA A 132 4.17 5.07 10.35
N LEU A 133 5.09 6.04 10.31
CA LEU A 133 5.30 6.89 11.48
C LEU A 133 4.09 7.74 11.79
N SER A 134 3.42 8.27 10.75
CA SER A 134 2.21 9.05 11.00
C SER A 134 1.11 8.16 11.58
N GLU A 135 1.02 6.91 11.11
CA GLU A 135 0.02 6.01 11.65
C GLU A 135 0.32 5.68 13.10
N TRP A 136 1.60 5.44 13.42
CA TRP A 136 1.98 5.19 14.81
C TRP A 136 1.65 6.39 15.68
N HIS A 137 1.88 7.61 15.16
CA HIS A 137 1.46 8.79 15.90
C HIS A 137 -0.05 8.80 16.09
N ARG A 138 -0.80 8.49 15.03
CA ARG A 138 -2.25 8.45 15.11
C ARG A 138 -2.72 7.46 16.17
N ALA A 139 -1.98 6.36 16.34
CA ALA A 139 -2.39 5.32 17.28
C ALA A 139 -2.04 5.66 18.71
N THR A 140 -0.97 6.43 18.94
CA THR A 140 -0.42 6.63 20.27
C THR A 140 -0.29 8.08 20.71
N GLY A 141 -0.39 9.03 19.80
CA GLY A 141 -0.04 10.40 20.14
C GLY A 141 1.45 10.63 20.27
N GLY A 142 2.26 9.64 19.90
CA GLY A 142 3.71 9.71 19.93
C GLY A 142 4.31 10.92 19.27
N GLU A 143 4.95 11.73 20.13
CA GLU A 143 5.59 12.97 19.71
C GLU A 143 6.73 12.70 18.72
N ALA A 144 7.61 11.76 19.05
CA ALA A 144 8.80 11.55 18.24
C ALA A 144 8.45 10.95 16.88
N ALA A 145 7.46 10.07 16.84
CA ALA A 145 7.03 9.49 15.57
C ALA A 145 6.61 10.58 14.60
N LEU A 146 5.83 11.55 15.08
CA LEU A 146 5.37 12.61 14.19
C LEU A 146 6.51 13.52 13.78
N ALA A 147 7.40 13.87 14.73
CA ALA A 147 8.56 14.68 14.40
C ALA A 147 9.41 14.01 13.33
N LEU A 148 9.59 12.69 13.44
CA LEU A 148 10.39 11.98 12.44
C LEU A 148 9.71 11.98 11.08
N ALA A 149 8.39 11.79 11.05
CA ALA A 149 7.67 11.84 9.78
C ALA A 149 7.82 13.19 9.13
N ARG A 150 7.64 14.27 9.91
CA ARG A 150 7.79 15.61 9.37
C ARG A 150 9.20 15.83 8.81
N SER A 151 10.22 15.32 9.50
CA SER A 151 11.59 15.53 9.03
C SER A 151 11.83 14.84 7.69
N ILE A 152 11.24 13.66 7.50
CA ILE A 152 11.43 12.95 6.24
C ILE A 152 10.67 13.65 5.13
N TYR A 153 9.46 14.12 5.41
CA TYR A 153 8.73 14.96 4.47
C TYR A 153 9.57 16.15 4.02
N ASP A 154 10.15 16.86 4.99
CA ASP A 154 11.02 18.00 4.65
C ASP A 154 12.18 17.57 3.75
N LEU A 155 12.76 16.39 4.00
CA LEU A 155 13.89 15.96 3.17
C LEU A 155 13.44 15.61 1.75
N ILE A 156 12.25 15.03 1.60
CA ILE A 156 11.75 14.74 0.26
C ILE A 156 11.59 16.03 -0.53
N GLU A 157 10.95 17.02 0.10
CA GLU A 157 10.70 18.28 -0.60
C GLU A 157 11.99 19.00 -0.92
N THR A 158 12.94 19.02 0.04
CA THR A 158 14.20 19.74 -0.12
C THR A 158 15.05 19.14 -1.23
N HIS A 159 15.16 17.82 -1.27
CA HIS A 159 16.14 17.16 -2.11
C HIS A 159 15.58 16.51 -3.36
N CYS A 160 14.26 16.31 -3.45
CA CYS A 160 13.70 15.52 -4.54
C CYS A 160 12.61 16.19 -5.35
N ALA A 161 11.98 17.26 -4.84
CA ALA A 161 10.86 17.86 -5.54
C ALA A 161 11.30 18.45 -6.86
N ASP A 162 10.61 18.10 -7.94
CA ASP A 162 10.80 18.76 -9.23
C ASP A 162 9.78 19.88 -9.31
N ARG A 163 10.24 21.12 -9.09
CA ARG A 163 9.29 22.22 -9.04
C ARG A 163 8.91 22.74 -10.42
N VAL A 164 9.70 22.43 -11.44
CA VAL A 164 9.34 22.82 -12.80
C VAL A 164 8.19 21.95 -13.30
N HIS A 165 8.36 20.63 -13.23
CA HIS A 165 7.51 19.68 -13.93
C HIS A 165 6.52 18.97 -13.02
N GLY A 166 6.66 19.12 -11.72
CA GLY A 166 5.80 18.42 -10.78
C GLY A 166 6.35 17.07 -10.41
N GLY A 167 5.97 16.60 -9.23
CA GLY A 167 6.46 15.30 -8.80
C GLY A 167 7.87 15.37 -8.25
N TYR A 168 8.55 14.23 -8.29
CA TYR A 168 9.76 14.00 -7.50
C TYR A 168 10.77 13.16 -8.25
N VAL A 169 12.04 13.56 -8.14
CA VAL A 169 13.13 12.61 -8.30
C VAL A 169 12.92 11.49 -7.30
N GLU A 170 13.13 10.25 -7.73
CA GLU A 170 12.64 9.14 -6.92
C GLU A 170 13.71 8.43 -6.10
N ALA A 171 14.99 8.68 -6.33
CA ALA A 171 16.01 8.02 -5.54
C ALA A 171 17.24 8.89 -5.41
N CYS A 172 17.83 8.87 -4.22
CA CYS A 172 19.07 9.58 -3.91
C CYS A 172 20.02 8.62 -3.21
N ASP A 173 21.28 9.02 -3.10
CA ASP A 173 22.20 8.22 -2.29
C ASP A 173 21.99 8.63 -0.83
N ARG A 174 22.84 8.10 0.06
CA ARG A 174 22.66 8.32 1.48
C ARG A 174 22.65 9.81 1.82
N ALA A 175 23.52 10.59 1.16
CA ALA A 175 23.61 12.02 1.41
C ALA A 175 22.66 12.83 0.53
N TRP A 176 21.64 12.17 -0.04
CA TRP A 176 20.55 12.83 -0.76
C TRP A 176 20.98 13.41 -2.11
N ARG A 177 22.05 12.88 -2.70
CA ARG A 177 22.33 13.27 -4.08
C ARG A 177 21.57 12.36 -5.03
N PRO A 178 20.85 12.92 -6.02
CA PRO A 178 20.05 12.08 -6.91
C PRO A 178 20.86 11.00 -7.61
N LEU A 179 20.23 9.83 -7.77
CA LEU A 179 20.77 8.74 -8.56
C LEU A 179 20.05 8.65 -9.91
N GLU A 180 20.74 8.09 -10.90
CA GLU A 180 20.10 7.88 -12.20
C GLU A 180 19.12 6.71 -12.13
N ASP A 181 19.51 5.64 -11.44
CA ASP A 181 18.73 4.40 -11.41
C ASP A 181 17.77 4.47 -10.23
N ALA A 182 16.53 4.86 -10.50
CA ALA A 182 15.50 4.93 -9.48
C ALA A 182 14.63 3.67 -9.41
N ARG A 183 15.01 2.60 -10.10
CA ARG A 183 14.21 1.40 -10.09
C ARG A 183 14.08 0.83 -8.68
N LEU A 184 12.84 0.45 -8.33
CA LEU A 184 12.62 -0.28 -7.10
C LEU A 184 13.19 -1.69 -7.17
N SER A 185 13.14 -2.30 -8.35
CA SER A 185 13.60 -3.66 -8.55
C SER A 185 13.87 -3.85 -10.04
N ALA A 186 14.33 -5.05 -10.40
CA ALA A 186 14.62 -5.35 -11.81
C ALA A 186 13.37 -5.41 -12.67
N LYS A 187 12.18 -5.53 -12.07
CA LYS A 187 10.94 -5.51 -12.84
C LYS A 187 10.64 -4.14 -13.42
N ASP A 188 11.20 -3.09 -12.83
CA ASP A 188 10.74 -1.74 -13.13
C ASP A 188 11.50 -1.13 -14.29
N ALA A 189 10.80 -0.32 -15.06
CA ALA A 189 11.41 0.35 -16.20
C ALA A 189 12.47 1.34 -15.75
N PRO A 190 13.60 1.44 -16.47
CA PRO A 190 14.64 2.41 -16.10
C PRO A 190 14.30 3.81 -16.58
N GLU A 191 13.25 4.37 -16.01
CA GLU A 191 12.72 5.69 -16.34
C GLU A 191 12.79 6.58 -15.10
N PRO A 192 12.84 7.91 -15.29
CA PRO A 192 13.01 8.79 -14.13
C PRO A 192 11.75 9.01 -13.30
N ARG A 193 10.57 8.70 -13.80
CA ARG A 193 9.35 8.91 -13.03
C ARG A 193 8.48 7.66 -13.10
N SER A 194 7.89 7.30 -11.98
CA SER A 194 7.02 6.14 -11.95
C SER A 194 5.75 6.48 -11.21
N MET A 195 4.63 5.97 -11.72
CA MET A 195 3.37 6.09 -11.00
C MET A 195 3.49 5.49 -9.60
N ASN A 196 4.14 4.32 -9.50
CA ASN A 196 4.20 3.57 -8.25
C ASN A 196 4.78 4.41 -7.10
N THR A 197 5.94 5.02 -7.33
CA THR A 197 6.53 5.80 -6.27
C THR A 197 5.69 7.04 -5.96
N HIS A 198 5.13 7.67 -6.98
CA HIS A 198 4.31 8.86 -6.74
C HIS A 198 3.00 8.50 -6.04
N LEU A 199 2.45 7.33 -6.33
CA LEU A 199 1.25 6.90 -5.61
C LEU A 199 1.54 6.79 -4.12
N HIS A 200 2.71 6.28 -3.76
CA HIS A 200 2.98 6.10 -2.34
C HIS A 200 3.48 7.38 -1.66
N VAL A 201 4.03 8.34 -2.40
CA VAL A 201 4.18 9.67 -1.83
C VAL A 201 2.81 10.22 -1.45
N LEU A 202 1.85 10.10 -2.36
CA LEU A 202 0.51 10.62 -2.10
C LEU A 202 -0.10 9.94 -0.90
N GLU A 203 0.02 8.61 -0.84
CA GLU A 203 -0.49 7.85 0.29
C GLU A 203 0.12 8.33 1.60
N ALA A 204 1.45 8.51 1.63
CA ALA A 204 2.13 8.97 2.83
C ALA A 204 1.73 10.39 3.21
N TYR A 205 1.67 11.29 2.23
CA TYR A 205 1.34 12.68 2.51
C TYR A 205 -0.07 12.82 3.03
N ALA A 206 -1.00 12.03 2.51
CA ALA A 206 -2.37 12.05 3.00
C ALA A 206 -2.44 11.60 4.45
N ASN A 207 -1.70 10.55 4.81
CA ASN A 207 -1.71 10.12 6.21
C ASN A 207 -1.02 11.14 7.10
N LEU A 208 0.02 11.80 6.60
CA LEU A 208 0.70 12.82 7.40
C LEU A 208 -0.20 14.02 7.63
N TYR A 209 -0.90 14.45 6.57
CA TYR A 209 -1.79 15.60 6.69
C TYR A 209 -2.91 15.32 7.69
N ARG A 210 -3.38 14.07 7.73
CA ARG A 210 -4.44 13.68 8.66
C ARG A 210 -4.06 13.99 10.10
N VAL A 211 -2.78 13.83 10.45
CA VAL A 211 -2.33 14.08 11.81
C VAL A 211 -1.57 15.39 11.95
N TRP A 212 -1.25 16.05 10.83
CA TRP A 212 -0.47 17.29 10.85
C TRP A 212 -0.88 18.14 9.65
N PRO A 213 -1.98 18.91 9.79
CA PRO A 213 -2.55 19.61 8.63
C PRO A 213 -1.83 20.91 8.28
N GLU A 214 -0.55 20.78 7.93
CA GLU A 214 0.26 21.93 7.59
C GLU A 214 -0.18 22.50 6.23
N THR A 215 -0.23 23.83 6.14
CA THR A 215 -0.71 24.48 4.92
C THR A 215 0.13 24.11 3.70
N GLU A 216 1.46 24.13 3.84
CA GLU A 216 2.31 23.79 2.71
C GLU A 216 2.13 22.33 2.30
N LEU A 217 1.96 21.44 3.27
CA LEU A 217 1.73 20.03 2.93
C LEU A 217 0.43 19.86 2.17
N ALA A 218 -0.61 20.60 2.55
CA ALA A 218 -1.86 20.56 1.79
C ALA A 218 -1.61 20.94 0.33
N ALA A 219 -0.77 21.94 0.08
CA ALA A 219 -0.48 22.32 -1.29
C ALA A 219 0.28 21.22 -2.02
N ARG A 220 1.24 20.59 -1.35
CA ARG A 220 1.99 19.51 -1.98
C ARG A 220 1.10 18.30 -2.27
N LEU A 221 0.19 17.99 -1.36
CA LEU A 221 -0.70 16.86 -1.56
C LEU A 221 -1.67 17.13 -2.70
N GLN A 222 -2.29 18.32 -2.69
CA GLN A 222 -3.15 18.70 -3.81
C GLN A 222 -2.40 18.67 -5.14
N ALA A 223 -1.15 19.13 -5.16
CA ALA A 223 -0.38 19.07 -6.40
C ALA A 223 -0.22 17.64 -6.88
N LEU A 224 -0.03 16.70 -5.93
CA LEU A 224 0.10 15.29 -6.32
C LEU A 224 -1.21 14.75 -6.85
N ILE A 225 -2.33 15.09 -6.23
CA ILE A 225 -3.63 14.70 -6.77
C ILE A 225 -3.79 15.24 -8.18
N GLU A 226 -3.47 16.53 -8.37
CA GLU A 226 -3.60 17.12 -9.70
C GLU A 226 -2.66 16.47 -10.69
N LEU A 227 -1.47 16.06 -10.26
CA LEU A 227 -0.55 15.36 -11.15
C LEU A 227 -1.15 14.03 -11.61
N PHE A 228 -1.76 13.28 -10.70
CA PHE A 228 -2.38 12.02 -11.11
C PHE A 228 -3.48 12.27 -12.12
N LEU A 229 -4.30 13.30 -11.89
CA LEU A 229 -5.44 13.58 -12.78
C LEU A 229 -4.98 14.00 -14.16
N ARG A 230 -3.89 14.76 -14.23
CA ARG A 230 -3.48 15.35 -15.49
C ARG A 230 -2.47 14.52 -16.25
N ALA A 231 -1.62 13.77 -15.56
CA ALA A 231 -0.49 13.11 -16.21
C ALA A 231 -0.51 11.60 -16.13
N ILE A 232 -1.04 11.01 -15.07
CA ILE A 232 -0.87 9.59 -14.82
C ILE A 232 -2.12 8.81 -15.20
N TYR A 233 -3.27 9.25 -14.73
CA TYR A 233 -4.54 8.67 -15.14
C TYR A 233 -4.77 8.94 -16.62
N HIS A 234 -5.13 7.89 -17.37
CA HIS A 234 -5.34 7.99 -18.81
C HIS A 234 -6.82 7.84 -19.10
N PRO A 235 -7.56 8.93 -19.31
CA PRO A 235 -9.01 8.81 -19.49
C PRO A 235 -9.39 7.97 -20.71
N ALA A 236 -8.53 7.84 -21.71
CA ALA A 236 -8.94 7.05 -22.87
C ALA A 236 -9.01 5.55 -22.57
N THR A 237 -8.29 5.07 -21.55
CA THR A 237 -8.26 3.65 -21.28
C THR A 237 -8.70 3.28 -19.87
N GLY A 238 -8.81 4.26 -18.98
CA GLY A 238 -9.13 3.96 -17.59
C GLY A 238 -8.03 3.27 -16.82
N HIS A 239 -6.79 3.41 -17.27
CA HIS A 239 -5.65 2.82 -16.58
C HIS A 239 -4.66 3.91 -16.24
N LEU A 240 -3.88 3.66 -15.21
CA LEU A 240 -2.73 4.49 -14.91
C LEU A 240 -1.59 4.18 -15.86
N ILE A 241 -0.94 5.23 -16.36
CA ILE A 241 0.33 5.06 -17.05
C ILE A 241 1.42 4.84 -16.00
N LEU A 242 2.34 3.91 -16.27
CA LEU A 242 3.21 3.44 -15.19
C LEU A 242 4.54 4.18 -15.11
N PHE A 243 5.12 4.60 -16.25
CA PHE A 243 6.44 5.20 -16.25
C PHE A 243 6.48 6.37 -17.21
N PHE A 244 7.35 7.34 -16.90
CA PHE A 244 7.39 8.61 -17.61
C PHE A 244 8.82 9.15 -17.62
N ASP A 245 9.06 10.14 -18.50
CA ASP A 245 10.26 10.94 -18.36
C ASP A 245 9.96 12.07 -17.37
N GLU A 246 10.88 13.01 -17.22
CA GLU A 246 10.74 14.04 -16.19
C GLU A 246 9.66 15.06 -16.49
N ARG A 247 9.22 15.18 -17.74
CA ARG A 247 8.12 16.06 -18.08
C ARG A 247 6.80 15.30 -18.15
N TRP A 248 6.78 14.07 -17.62
CA TRP A 248 5.59 13.24 -17.57
C TRP A 248 5.14 12.79 -18.96
N ARG A 249 6.07 12.69 -19.89
CA ARG A 249 5.76 12.04 -21.15
C ARG A 249 5.70 10.53 -20.92
N PRO A 250 4.67 9.83 -21.40
CA PRO A 250 4.57 8.39 -21.12
C PRO A 250 5.76 7.63 -21.69
N ARG A 251 6.28 6.71 -20.89
CA ARG A 251 7.41 5.87 -21.27
C ARG A 251 7.10 4.40 -21.06
N SER A 252 5.82 4.05 -21.00
CA SER A 252 5.39 2.67 -20.85
C SER A 252 3.97 2.55 -21.37
N ARG A 253 3.62 1.34 -21.77
CA ARG A 253 2.24 1.03 -22.12
C ARG A 253 1.65 -0.08 -21.24
N ALA A 254 2.40 -0.59 -20.28
CA ALA A 254 1.92 -1.67 -19.43
C ALA A 254 0.74 -1.20 -18.58
N VAL A 255 -0.06 -2.16 -18.13
CA VAL A 255 -1.24 -1.91 -17.31
C VAL A 255 -1.09 -2.73 -16.04
N SER A 256 -1.27 -2.09 -14.88
CA SER A 256 -1.23 -2.76 -13.59
C SER A 256 -2.62 -2.66 -12.97
N PHE A 257 -3.39 -3.74 -13.05
CA PHE A 257 -4.76 -3.71 -12.54
C PHE A 257 -4.79 -3.44 -11.04
N GLY A 258 -3.84 -4.03 -10.31
CA GLY A 258 -3.79 -3.81 -8.87
C GLY A 258 -3.54 -2.36 -8.51
N HIS A 259 -2.64 -1.70 -9.24
CA HIS A 259 -2.37 -0.28 -8.98
C HIS A 259 -3.54 0.59 -9.36
N ASP A 260 -4.22 0.27 -10.47
CA ASP A 260 -5.42 1.01 -10.85
C ASP A 260 -6.44 1.00 -9.72
N ILE A 261 -6.74 -0.18 -9.18
CA ILE A 261 -7.81 -0.26 -8.21
C ILE A 261 -7.35 0.27 -6.84
N GLU A 262 -6.06 0.15 -6.51
CA GLU A 262 -5.52 0.80 -5.30
C GLU A 262 -5.62 2.31 -5.41
N ALA A 263 -5.17 2.87 -6.54
CA ALA A 263 -5.23 4.31 -6.72
C ALA A 263 -6.67 4.79 -6.70
N SER A 264 -7.59 3.97 -7.22
CA SER A 264 -8.99 4.32 -7.25
C SER A 264 -9.47 4.78 -5.88
N TRP A 265 -9.09 4.06 -4.82
CA TRP A 265 -9.58 4.50 -3.53
C TRP A 265 -8.59 5.41 -2.79
N LEU A 266 -7.28 5.25 -3.02
CA LEU A 266 -6.32 6.13 -2.36
C LEU A 266 -6.49 7.58 -2.81
N LEU A 267 -6.76 7.80 -4.10
CA LEU A 267 -6.90 9.18 -4.58
C LEU A 267 -8.07 9.89 -3.90
N LEU A 268 -9.16 9.17 -3.67
CA LEU A 268 -10.29 9.76 -2.96
C LEU A 268 -9.99 9.94 -1.48
N GLU A 269 -9.24 9.02 -0.86
CA GLU A 269 -8.84 9.25 0.52
C GLU A 269 -8.04 10.55 0.63
N ALA A 270 -7.18 10.78 -0.36
CA ALA A 270 -6.32 11.97 -0.32
C ALA A 270 -7.13 13.25 -0.48
N VAL A 271 -8.05 13.30 -1.44
CA VAL A 271 -8.84 14.53 -1.59
C VAL A 271 -9.71 14.75 -0.37
N ASP A 272 -10.18 13.68 0.28
CA ASP A 272 -11.06 13.86 1.42
C ASP A 272 -10.31 14.26 2.67
N VAL A 273 -9.06 13.81 2.82
CA VAL A 273 -8.23 14.28 3.92
C VAL A 273 -8.02 15.79 3.81
N LEU A 274 -7.84 16.28 2.58
CA LEU A 274 -7.73 17.71 2.31
C LEU A 274 -9.04 18.45 2.52
N GLY A 275 -10.17 17.76 2.41
CA GLY A 275 -11.45 18.42 2.35
C GLY A 275 -11.65 19.23 1.09
N GLN A 276 -11.02 18.83 -0.02
CA GLN A 276 -10.97 19.63 -1.23
C GLN A 276 -12.20 19.32 -2.08
N ALA A 277 -13.33 19.91 -1.68
CA ALA A 277 -14.60 19.59 -2.31
C ALA A 277 -14.64 20.01 -3.78
N THR A 278 -13.85 21.01 -4.16
CA THR A 278 -13.84 21.45 -5.55
C THR A 278 -13.14 20.45 -6.46
N LEU A 279 -12.12 19.77 -5.94
CA LEU A 279 -11.37 18.78 -6.69
C LEU A 279 -12.07 17.43 -6.71
N ARG A 280 -12.93 17.17 -5.74
CA ARG A 280 -13.47 15.82 -5.57
C ARG A 280 -14.26 15.31 -6.77
N PRO A 281 -15.08 16.09 -7.47
CA PRO A 281 -15.82 15.52 -8.61
C PRO A 281 -14.91 14.91 -9.66
N ARG A 282 -13.80 15.58 -9.98
CA ARG A 282 -12.89 15.04 -10.99
C ARG A 282 -12.19 13.79 -10.48
N VAL A 283 -11.80 13.79 -9.20
CA VAL A 283 -11.16 12.61 -8.62
C VAL A 283 -12.14 11.44 -8.57
N GLN A 284 -13.37 11.68 -8.14
CA GLN A 284 -14.36 10.60 -8.08
C GLN A 284 -14.61 10.01 -9.46
N GLN A 285 -14.66 10.87 -10.49
CA GLN A 285 -14.85 10.39 -11.86
C GLN A 285 -13.70 9.49 -12.28
N ALA A 286 -12.47 9.92 -12.03
CA ALA A 286 -11.31 9.11 -12.39
C ALA A 286 -11.26 7.84 -11.56
N SER A 287 -11.58 7.97 -10.26
N SER A 287 -11.60 7.96 -10.26
CA SER A 287 -11.61 6.80 -9.38
CA SER A 287 -11.60 6.79 -9.38
C SER A 287 -12.61 5.76 -9.85
C SER A 287 -12.62 5.75 -9.83
N LEU A 288 -13.85 6.18 -10.14
CA LEU A 288 -14.84 5.22 -10.61
C LEU A 288 -14.45 4.63 -11.95
N HIS A 289 -13.78 5.43 -12.80
CA HIS A 289 -13.34 4.91 -14.09
C HIS A 289 -12.31 3.81 -13.90
N LEU A 290 -11.29 4.08 -13.09
CA LEU A 290 -10.29 3.07 -12.76
C LEU A 290 -10.95 1.81 -12.22
N ALA A 291 -11.95 1.97 -11.36
CA ALA A 291 -12.64 0.80 -10.81
C ALA A 291 -13.41 0.04 -11.90
N ARG A 292 -14.12 0.75 -12.77
CA ARG A 292 -14.84 0.07 -13.85
C ARG A 292 -13.88 -0.61 -14.84
N ALA A 293 -12.77 0.06 -15.17
CA ALA A 293 -11.82 -0.56 -16.09
C ALA A 293 -11.25 -1.83 -15.48
N THR A 294 -10.98 -1.81 -14.17
CA THR A 294 -10.51 -3.01 -13.49
C THR A 294 -11.55 -4.12 -13.54
N LEU A 295 -12.81 -3.77 -13.25
CA LEU A 295 -13.91 -4.72 -13.31
C LEU A 295 -14.00 -5.38 -14.68
N ALA A 296 -13.86 -4.60 -15.74
CA ALA A 296 -14.12 -5.08 -17.09
C ALA A 296 -12.94 -5.78 -17.73
N GLU A 297 -11.72 -5.42 -17.34
CA GLU A 297 -10.53 -5.86 -18.05
C GLU A 297 -9.51 -6.60 -17.19
N GLY A 298 -9.56 -6.45 -15.88
CA GLY A 298 -8.51 -6.96 -15.03
C GLY A 298 -8.87 -8.22 -14.28
N ARG A 299 -10.04 -8.80 -14.51
CA ARG A 299 -10.51 -9.90 -13.70
C ARG A 299 -10.59 -11.19 -14.47
N ALA A 300 -10.30 -12.27 -13.77
CA ALA A 300 -10.59 -13.62 -14.24
C ALA A 300 -12.07 -13.93 -14.02
N PRO A 301 -12.60 -15.00 -14.63
CA PRO A 301 -14.03 -15.31 -14.43
C PRO A 301 -14.39 -15.60 -12.98
N ASP A 302 -13.42 -15.97 -12.14
CA ASP A 302 -13.68 -16.16 -10.71
C ASP A 302 -13.70 -14.84 -9.92
N GLY A 303 -13.47 -13.70 -10.58
CA GLY A 303 -13.50 -12.41 -9.91
C GLY A 303 -12.17 -11.95 -9.36
N SER A 304 -11.15 -12.80 -9.40
CA SER A 304 -9.82 -12.40 -8.96
C SER A 304 -9.19 -11.49 -10.02
N LEU A 305 -8.13 -10.79 -9.61
CA LEU A 305 -7.45 -9.87 -10.50
C LEU A 305 -6.22 -10.50 -11.10
N TYR A 306 -6.08 -10.38 -12.42
CA TYR A 306 -4.83 -10.66 -13.09
C TYR A 306 -3.75 -9.68 -12.64
N TYR A 307 -2.50 -9.98 -13.00
CA TYR A 307 -1.39 -9.19 -12.49
C TYR A 307 -1.12 -7.95 -13.33
N GLU A 308 -0.95 -8.12 -14.64
CA GLU A 308 -0.58 -7.00 -15.47
C GLU A 308 -0.84 -7.34 -16.92
N ILE A 309 -0.90 -6.30 -17.75
CA ILE A 309 -0.59 -6.41 -19.16
C ILE A 309 0.79 -5.80 -19.35
N GLY A 310 1.74 -6.59 -19.84
CA GLY A 310 3.10 -6.13 -19.96
C GLY A 310 3.30 -5.21 -21.15
N GLU A 311 4.56 -4.77 -21.30
CA GLU A 311 4.91 -3.80 -22.34
C GLU A 311 4.69 -4.35 -23.74
N GLN A 312 4.81 -5.66 -23.92
CA GLN A 312 4.53 -6.29 -25.20
C GLN A 312 3.08 -6.74 -25.33
N GLY A 313 2.25 -6.48 -24.33
CA GLY A 313 0.85 -6.84 -24.39
C GLY A 313 0.49 -8.14 -23.70
N HIS A 314 1.46 -8.88 -23.18
CA HIS A 314 1.16 -10.18 -22.60
C HIS A 314 0.42 -10.02 -21.29
N LEU A 315 -0.67 -10.77 -21.15
CA LEU A 315 -1.44 -10.79 -19.92
C LEU A 315 -0.79 -11.77 -18.95
N ASP A 316 -0.33 -11.25 -17.81
CA ASP A 316 0.18 -12.10 -16.73
C ASP A 316 -1.02 -12.50 -15.89
N THR A 317 -1.41 -13.77 -15.97
CA THR A 317 -2.62 -14.26 -15.33
C THR A 317 -2.38 -14.70 -13.90
N ASP A 318 -1.15 -14.62 -13.40
CA ASP A 318 -0.88 -14.90 -12.00
C ASP A 318 -1.73 -14.00 -11.12
N ARG A 319 -2.25 -14.59 -10.04
CA ARG A 319 -2.97 -13.85 -9.00
C ARG A 319 -1.97 -13.56 -7.90
N HIS A 320 -1.44 -12.34 -7.89
CA HIS A 320 -0.61 -11.93 -6.77
C HIS A 320 -1.50 -11.56 -5.61
N TRP A 321 -0.95 -11.64 -4.39
CA TRP A 321 -1.81 -11.45 -3.23
C TRP A 321 -2.32 -10.02 -3.13
N TRP A 322 -1.48 -9.03 -3.45
CA TRP A 322 -1.83 -7.66 -3.10
C TRP A 322 -2.86 -7.05 -4.05
N PRO A 323 -2.91 -7.37 -5.35
CA PRO A 323 -4.05 -6.86 -6.14
C PRO A 323 -5.38 -7.37 -5.65
N GLN A 324 -5.44 -8.58 -5.09
CA GLN A 324 -6.72 -9.04 -4.55
C GLN A 324 -7.11 -8.22 -3.34
N ALA A 325 -6.15 -7.93 -2.46
CA ALA A 325 -6.43 -7.09 -1.31
C ALA A 325 -6.90 -5.72 -1.76
N GLU A 326 -6.18 -5.12 -2.71
CA GLU A 326 -6.53 -3.77 -3.13
C GLU A 326 -7.87 -3.76 -3.84
N ALA A 327 -8.22 -4.85 -4.54
CA ALA A 327 -9.54 -4.92 -5.18
C ALA A 327 -10.65 -5.00 -4.14
N LEU A 328 -10.41 -5.72 -3.04
CA LEU A 328 -11.41 -5.76 -1.97
C LEU A 328 -11.76 -4.35 -1.51
N VAL A 329 -10.74 -3.54 -1.23
CA VAL A 329 -11.03 -2.18 -0.77
C VAL A 329 -11.58 -1.34 -1.90
N GLY A 330 -10.94 -1.43 -3.08
CA GLY A 330 -11.32 -0.54 -4.17
C GLY A 330 -12.72 -0.80 -4.67
N PHE A 331 -13.14 -2.08 -4.71
CA PHE A 331 -14.49 -2.38 -5.15
C PHE A 331 -15.51 -1.99 -4.09
N LEU A 332 -15.19 -2.20 -2.80
CA LEU A 332 -16.09 -1.72 -1.76
C LEU A 332 -16.19 -0.20 -1.83
N ASN A 333 -15.06 0.47 -2.03
CA ASN A 333 -15.08 1.93 -2.11
C ASN A 333 -15.91 2.40 -3.30
N ALA A 334 -15.76 1.72 -4.44
CA ALA A 334 -16.54 2.12 -5.61
C ALA A 334 -18.03 1.93 -5.36
N TYR A 335 -18.40 0.88 -4.62
CA TYR A 335 -19.79 0.72 -4.23
C TYR A 335 -20.25 1.87 -3.36
N GLN A 336 -19.44 2.27 -2.39
CA GLN A 336 -19.82 3.37 -1.50
C GLN A 336 -19.96 4.67 -2.28
N GLU A 337 -19.10 4.90 -3.26
CA GLU A 337 -19.12 6.17 -4.00
C GLU A 337 -20.29 6.25 -4.96
N SER A 338 -20.58 5.15 -5.66
CA SER A 338 -21.51 5.16 -6.77
C SER A 338 -22.89 4.62 -6.40
N GLY A 339 -22.98 3.86 -5.32
CA GLY A 339 -24.19 3.15 -4.99
C GLY A 339 -24.48 1.94 -5.87
N GLU A 340 -23.58 1.61 -6.78
CA GLU A 340 -23.83 0.54 -7.76
C GLU A 340 -23.40 -0.78 -7.14
N VAL A 341 -24.38 -1.63 -6.83
CA VAL A 341 -24.15 -2.84 -6.07
C VAL A 341 -23.32 -3.86 -6.86
N LEU A 342 -23.20 -3.69 -8.18
CA LEU A 342 -22.27 -4.55 -8.92
C LEU A 342 -20.86 -4.46 -8.34
N PHE A 343 -20.48 -3.31 -7.78
CA PHE A 343 -19.16 -3.22 -7.15
C PHE A 343 -19.11 -4.05 -5.87
N TYR A 344 -20.23 -4.12 -5.14
CA TYR A 344 -20.23 -4.97 -3.95
C TYR A 344 -20.13 -6.43 -4.34
N GLU A 345 -20.87 -6.82 -5.39
CA GLU A 345 -20.76 -8.18 -5.90
C GLU A 345 -19.32 -8.50 -6.28
N ALA A 346 -18.62 -7.55 -6.90
CA ALA A 346 -17.23 -7.77 -7.25
C ALA A 346 -16.34 -7.91 -6.02
N ALA A 347 -16.59 -7.10 -4.98
CA ALA A 347 -15.83 -7.24 -3.75
C ALA A 347 -16.07 -8.60 -3.12
N GLU A 348 -17.33 -9.05 -3.12
CA GLU A 348 -17.64 -10.36 -2.56
C GLU A 348 -16.93 -11.46 -3.33
N ASP A 349 -16.90 -11.34 -4.66
CA ASP A 349 -16.22 -12.35 -5.48
C ASP A 349 -14.73 -12.38 -5.21
N VAL A 350 -14.09 -11.22 -5.11
CA VAL A 350 -12.65 -11.28 -4.84
C VAL A 350 -12.40 -11.81 -3.43
N TRP A 351 -13.29 -11.52 -2.49
CA TRP A 351 -13.14 -12.06 -1.15
C TRP A 351 -13.22 -13.57 -1.17
N ARG A 352 -14.23 -14.10 -1.89
CA ARG A 352 -14.36 -15.54 -1.99
C ARG A 352 -13.11 -16.16 -2.62
N TYR A 353 -12.54 -15.51 -3.63
CA TYR A 353 -11.28 -16.00 -4.18
C TYR A 353 -10.16 -15.95 -3.13
N ILE A 354 -10.10 -14.86 -2.37
CA ILE A 354 -9.08 -14.76 -1.32
C ILE A 354 -9.22 -15.93 -0.36
N ARG A 355 -10.44 -16.23 0.06
CA ARG A 355 -10.64 -17.28 1.05
C ARG A 355 -10.39 -18.65 0.47
N GLU A 356 -10.78 -18.88 -0.78
CA GLU A 356 -10.72 -20.22 -1.35
C GLU A 356 -9.39 -20.52 -2.04
N ARG A 357 -8.65 -19.50 -2.47
CA ARG A 357 -7.42 -19.76 -3.23
C ARG A 357 -6.21 -19.00 -2.71
N GLN A 358 -6.35 -17.71 -2.36
CA GLN A 358 -5.16 -16.93 -2.06
C GLN A 358 -4.63 -17.17 -0.66
N ARG A 359 -5.52 -17.31 0.33
CA ARG A 359 -5.01 -17.54 1.66
C ARG A 359 -4.45 -18.96 1.74
N ASP A 360 -3.39 -19.11 2.54
CA ASP A 360 -2.75 -20.40 2.77
C ASP A 360 -3.26 -20.90 4.11
N THR A 361 -4.28 -21.76 4.08
CA THR A 361 -4.86 -22.24 5.31
C THR A 361 -3.89 -23.14 6.07
N ARG A 362 -3.11 -23.95 5.35
CA ARG A 362 -2.21 -24.87 6.05
C ARG A 362 -1.04 -24.12 6.67
N GLY A 363 -0.36 -23.27 5.89
CA GLY A 363 0.84 -22.60 6.36
C GLY A 363 0.65 -21.23 6.95
N GLY A 364 -0.55 -20.66 6.87
CA GLY A 364 -0.80 -19.34 7.42
C GLY A 364 -0.52 -18.23 6.42
N GLU A 365 -1.11 -17.07 6.70
CA GLU A 365 -1.04 -15.89 5.82
C GLU A 365 -1.60 -16.19 4.44
N TRP A 366 -1.15 -15.44 3.44
CA TRP A 366 -1.61 -15.57 2.06
C TRP A 366 -0.45 -15.95 1.16
N PHE A 367 -0.72 -16.83 0.19
CA PHE A 367 0.26 -17.07 -0.86
C PHE A 367 0.59 -15.79 -1.60
N ALA A 368 1.87 -15.58 -1.90
CA ALA A 368 2.23 -14.42 -2.71
C ALA A 368 1.60 -14.50 -4.10
N ARG A 369 1.57 -15.68 -4.70
CA ARG A 369 1.09 -15.84 -6.07
C ARG A 369 0.37 -17.16 -6.24
N VAL A 370 -0.75 -17.13 -6.95
CA VAL A 370 -1.44 -18.34 -7.37
C VAL A 370 -1.52 -18.34 -8.88
N ARG A 371 -1.15 -19.47 -9.49
CA ARG A 371 -1.22 -19.60 -10.94
C ARG A 371 -2.67 -19.68 -11.43
N ASP A 372 -2.84 -19.39 -12.73
CA ASP A 372 -4.17 -19.37 -13.35
C ASP A 372 -4.90 -20.70 -13.19
N ASP A 373 -4.17 -21.80 -13.09
CA ASP A 373 -4.80 -23.11 -12.92
C ASP A 373 -5.04 -23.44 -11.45
N GLY A 374 -4.71 -22.54 -10.54
CA GLY A 374 -4.96 -22.73 -9.12
C GLY A 374 -3.76 -23.16 -8.31
N ALA A 375 -2.62 -23.44 -8.96
CA ALA A 375 -1.44 -23.90 -8.24
C ALA A 375 -0.75 -22.75 -7.53
N PRO A 376 -0.63 -22.78 -6.21
CA PRO A 376 0.17 -21.76 -5.52
C PRO A 376 1.63 -21.90 -5.89
N TYR A 377 2.28 -20.77 -6.15
CA TYR A 377 3.72 -20.79 -6.36
C TYR A 377 4.45 -20.93 -5.02
N PRO A 378 5.61 -21.61 -5.01
CA PRO A 378 6.43 -21.74 -3.80
C PRO A 378 7.27 -20.50 -3.51
N ASP A 379 6.64 -19.34 -3.47
CA ASP A 379 7.30 -18.09 -3.15
C ASP A 379 7.49 -17.95 -1.65
N ASP A 380 8.41 -17.08 -1.27
CA ASP A 380 8.54 -16.73 0.14
C ASP A 380 7.21 -16.18 0.67
N LYS A 381 6.95 -16.44 1.95
CA LYS A 381 5.75 -15.89 2.59
C LYS A 381 5.98 -14.47 3.06
N VAL A 382 7.23 -14.15 3.38
CA VAL A 382 7.63 -12.83 3.83
C VAL A 382 8.93 -12.54 3.11
N ASP A 383 9.06 -11.34 2.55
CA ASP A 383 10.34 -10.94 2.01
C ASP A 383 10.32 -9.42 1.86
N PHE A 384 11.34 -8.89 1.18
CA PHE A 384 11.48 -7.44 0.99
C PHE A 384 10.17 -6.79 0.56
N TRP A 385 9.41 -7.47 -0.28
CA TRP A 385 8.23 -6.89 -0.91
C TRP A 385 6.91 -7.46 -0.40
N LYS A 386 6.93 -8.34 0.60
CA LYS A 386 5.70 -8.96 1.06
C LYS A 386 5.63 -8.81 2.57
N GLY A 387 4.83 -7.83 3.01
CA GLY A 387 4.63 -7.56 4.41
C GLY A 387 3.17 -7.78 4.76
N PRO A 388 2.72 -7.26 5.89
CA PRO A 388 1.32 -7.39 6.29
C PRO A 388 0.42 -6.24 5.87
N TYR A 389 0.93 -5.32 5.06
CA TYR A 389 0.27 -4.04 4.83
C TYR A 389 -0.87 -4.14 3.82
N HIS A 390 -0.62 -4.68 2.63
CA HIS A 390 -1.70 -4.72 1.64
C HIS A 390 -2.89 -5.51 2.16
N ASN A 391 -2.64 -6.73 2.66
CA ASN A 391 -3.79 -7.53 3.08
C ASN A 391 -4.29 -7.11 4.44
N GLY A 392 -3.41 -6.67 5.35
CA GLY A 392 -3.88 -6.14 6.63
C GLY A 392 -4.72 -4.90 6.46
N ARG A 393 -4.21 -3.92 5.71
CA ARG A 393 -4.99 -2.71 5.44
C ARG A 393 -6.31 -3.05 4.76
N ALA A 394 -6.27 -3.99 3.82
CA ALA A 394 -7.50 -4.31 3.09
C ALA A 394 -8.57 -4.83 4.03
N CYS A 395 -8.18 -5.68 4.98
CA CYS A 395 -9.14 -6.19 5.95
C CYS A 395 -9.63 -5.08 6.86
N LEU A 396 -8.72 -4.25 7.36
CA LEU A 396 -9.14 -3.15 8.23
C LEU A 396 -10.08 -2.20 7.49
N GLU A 397 -9.74 -1.86 6.25
CA GLU A 397 -10.62 -0.98 5.48
C GLU A 397 -12.00 -1.60 5.30
N ALA A 398 -12.04 -2.87 4.89
CA ALA A 398 -13.32 -3.53 4.64
C ALA A 398 -14.16 -3.58 5.90
N ILE A 399 -13.53 -3.87 7.06
CA ILE A 399 -14.27 -3.93 8.31
C ILE A 399 -14.94 -2.60 8.60
N GLN A 400 -14.19 -1.50 8.45
CA GLN A 400 -14.75 -0.18 8.74
C GLN A 400 -15.78 0.24 7.71
N ARG A 401 -15.56 -0.09 6.43
CA ARG A 401 -16.52 0.28 5.42
C ARG A 401 -17.82 -0.51 5.59
N LEU A 402 -17.72 -1.79 5.92
CA LEU A 402 -18.92 -2.58 6.18
C LEU A 402 -19.64 -2.10 7.43
N ARG A 403 -18.88 -1.63 8.43
CA ARG A 403 -19.48 -1.02 9.60
C ARG A 403 -20.33 0.19 9.21
N HIS A 404 -19.79 1.06 8.37
CA HIS A 404 -20.56 2.22 7.92
C HIS A 404 -21.80 1.79 7.15
N LEU A 405 -21.66 0.81 6.25
CA LEU A 405 -22.81 0.34 5.48
C LEU A 405 -23.87 -0.26 6.40
N LEU A 406 -23.44 -0.97 7.44
CA LEU A 406 -24.41 -1.55 8.38
C LEU A 406 -25.20 -0.47 9.10
N GLU A 407 -24.61 0.71 9.28
CA GLU A 407 -25.31 1.79 9.97
C GLU A 407 -26.24 2.58 9.04
N HIS A 408 -26.34 2.21 7.77
CA HIS A 408 -27.37 2.83 6.92
C HIS A 408 -28.78 2.38 7.29
N VAL A 409 -28.91 1.31 8.07
CA VAL A 409 -30.22 0.79 8.44
C VAL A 409 -30.62 1.25 9.84
O1 MTL B . 1.13 -0.18 -4.57
C1 MTL B . 1.67 -1.48 -4.78
C2 MTL B . 3.11 -1.35 -5.30
O2 MTL B . 3.93 -0.59 -4.39
C3 MTL B . 3.75 -2.68 -5.79
O3 MTL B . 4.85 -2.35 -6.66
C4 MTL B . 4.34 -3.64 -4.77
C5 MTL B . 3.38 -4.08 -3.69
O5 MTL B . 3.34 -3.01 -2.73
C6 MTL B . 3.86 -5.37 -3.01
O6 MTL B . 5.14 -5.12 -2.44
C1 BMA C . 6.10 -5.04 -5.70
C2 BMA C . 6.34 -6.49 -6.09
C3 BMA C . 7.84 -6.69 -6.26
C4 BMA C . 8.41 -5.67 -7.23
C5 BMA C . 8.10 -4.27 -6.70
C6 BMA C . 8.71 -3.12 -7.50
O1 BMA C . 4.71 -4.73 -5.57
O2 BMA C . 5.67 -6.83 -7.33
O3 BMA C . 8.13 -8.02 -6.69
O4 BMA C . 9.83 -5.86 -7.33
O5 BMA C . 6.69 -4.14 -6.65
O6 BMA C . 8.39 -3.29 -8.89
CL CL D . 2.57 -5.78 2.09
P PO4 E . 12.83 -4.30 19.59
O1 PO4 E . 11.70 -3.83 20.46
O2 PO4 E . 12.65 -3.73 18.18
O3 PO4 E . 14.16 -3.82 20.10
O4 PO4 E . 12.78 -5.81 19.46
#